data_2LZW
#
_entry.id   2LZW
#
loop_
_entity.id
_entity.type
_entity.pdbx_description
1 polymer "DNA (5'-D(*CP*GP*AP*AP*AP*GP*TP*TP*TP*CP*G)-3')"
2 non-polymer HEPTANE
#
_entity_poly.entity_id   1
_entity_poly.type   'polydeoxyribonucleotide'
_entity_poly.pdbx_seq_one_letter_code
;(DC)(DG)(DA)(DA)(DA)(DG)(DT)(DT)(DT)(DC)(DG)
;
_entity_poly.pdbx_strand_id   A,B
#